data_4Z9I
#
_entry.id   4Z9I
#
_cell.length_a   81.460
_cell.length_b   59.510
_cell.length_c   79.380
_cell.angle_alpha   90.00
_cell.angle_beta   95.02
_cell.angle_gamma   90.00
#
_symmetry.space_group_name_H-M   'C 1 2 1'
#
loop_
_entity.id
_entity.type
_entity.pdbx_description
1 polymer 'Methyl-accepting chemotaxis protein II'
2 non-polymer 'ASPARTIC ACID'
3 water water
#
_entity_poly.entity_id   1
_entity_poly.type   'polypeptide(L)'
_entity_poly.pdbx_seq_one_letter_code
;MGSSHHHHHHSSGLVPRGSHMASDDDDKGSLFFSSLHHSQKSFVVSNQLREQQGELTSTWDLMLQTRINLSRSAVRMMMD
SSNQQSNAKVELLDSARKTLAQAATHYKKFKSMAPLPEMVATSRNIDEKYKNYYTALTELIDYLDYGNTGAYFAQPTQGM
QNAMGEAFAQYALSSEKLYRDIVTDNADDYRFAQWQ
;
_entity_poly.pdbx_strand_id   A,B
#
# COMPACT_ATOMS: atom_id res chain seq x y z
N LEU A 31 0.86 30.15 -22.90
CA LEU A 31 -0.05 29.86 -21.74
C LEU A 31 -1.16 30.96 -21.58
N PHE A 32 -2.42 30.62 -21.25
CA PHE A 32 -2.93 29.31 -20.75
C PHE A 32 -2.27 28.01 -21.16
N PHE A 33 -1.65 27.37 -20.19
CA PHE A 33 -1.29 25.98 -20.37
C PHE A 33 -2.57 25.13 -20.23
N SER A 34 -3.27 25.27 -19.10
CA SER A 34 -4.58 24.59 -18.95
C SER A 34 -5.49 25.32 -17.96
N SER A 35 -6.76 24.89 -17.86
CA SER A 35 -7.66 25.48 -16.83
C SER A 35 -7.17 25.32 -15.42
N LEU A 36 -6.69 24.13 -15.10
CA LEU A 36 -6.23 23.89 -13.73
C LEU A 36 -4.84 24.46 -13.51
N HIS A 37 -4.05 24.54 -14.59
CA HIS A 37 -2.64 25.04 -14.42
C HIS A 37 -2.38 26.13 -15.45
N HIS A 38 -2.61 27.38 -15.11
CA HIS A 38 -2.51 28.45 -16.12
C HIS A 38 -1.12 28.56 -16.69
N SER A 39 -0.14 28.36 -15.79
CA SER A 39 1.24 28.15 -16.14
C SER A 39 1.61 26.68 -16.09
N GLN A 40 2.34 26.23 -17.11
CA GLN A 40 2.90 24.89 -17.14
C GLN A 40 3.87 24.64 -16.01
N LYS A 41 4.50 25.68 -15.44
CA LYS A 41 5.28 25.47 -14.18
C LYS A 41 4.50 24.99 -12.99
N SER A 42 3.25 25.45 -12.83
CA SER A 42 2.40 24.96 -11.79
C SER A 42 2.19 23.47 -11.97
N PHE A 43 2.05 22.99 -13.21
CA PHE A 43 1.82 21.61 -13.45
C PHE A 43 3.04 20.83 -13.01
N VAL A 44 4.21 21.38 -13.29
CA VAL A 44 5.46 20.66 -12.87
C VAL A 44 5.47 20.43 -11.38
N VAL A 45 5.13 21.45 -10.60
CA VAL A 45 5.15 21.41 -9.15
C VAL A 45 4.07 20.43 -8.63
N SER A 46 2.85 20.64 -9.11
CA SER A 46 1.77 19.77 -8.64
C SER A 46 1.95 18.32 -9.01
N ASN A 47 2.48 18.09 -10.18
CA ASN A 47 2.78 16.74 -10.67
C ASN A 47 3.88 16.11 -9.82
N GLN A 48 4.88 16.89 -9.44
CA GLN A 48 5.92 16.42 -8.45
C GLN A 48 5.41 15.93 -7.18
N LEU A 49 4.49 16.65 -6.61
CA LEU A 49 3.88 16.31 -5.46
C LEU A 49 3.20 14.94 -5.52
N ARG A 50 2.48 14.74 -6.68
CA ARG A 50 1.81 13.48 -6.87
C ARG A 50 2.78 12.34 -7.07
N GLU A 51 3.90 12.60 -7.76
CA GLU A 51 4.91 11.58 -8.00
C GLU A 51 5.59 11.18 -6.65
N GLN A 52 5.83 12.17 -5.79
CA GLN A 52 6.36 11.89 -4.49
C GLN A 52 5.40 11.00 -3.72
N GLN A 53 4.13 11.34 -3.73
CA GLN A 53 3.17 10.45 -3.06
C GLN A 53 3.23 9.07 -3.60
N GLY A 54 3.23 8.92 -4.92
CA GLY A 54 3.26 7.66 -5.56
C GLY A 54 4.47 6.82 -5.15
N GLU A 55 5.65 7.44 -5.06
CA GLU A 55 6.81 6.69 -4.73
C GLU A 55 6.81 6.32 -3.22
N LEU A 56 6.26 7.12 -2.34
CA LEU A 56 6.11 6.74 -0.95
C LEU A 56 5.05 5.60 -0.82
N THR A 57 3.94 5.70 -1.59
CA THR A 57 2.92 4.62 -1.58
C THR A 57 3.59 3.29 -1.95
N SER A 58 4.40 3.29 -2.99
CA SER A 58 5.12 2.12 -3.41
C SER A 58 6.05 1.57 -2.32
N THR A 59 6.79 2.51 -1.69
CA THR A 59 7.70 2.15 -0.59
C THR A 59 6.93 1.37 0.50
N TRP A 60 5.79 1.94 0.93
CA TRP A 60 5.02 1.38 1.97
C TRP A 60 4.48 -0.01 1.53
N ASP A 61 3.92 -0.10 0.34
CA ASP A 61 3.48 -1.38 -0.21
C ASP A 61 4.58 -2.46 -0.07
N LEU A 62 5.76 -2.14 -0.55
CA LEU A 62 6.82 -3.11 -0.58
C LEU A 62 7.37 -3.42 0.78
N MET A 63 7.33 -2.48 1.76
CA MET A 63 7.68 -2.80 3.14
C MET A 63 6.69 -3.82 3.69
N LEU A 64 5.38 -3.62 3.44
CA LEU A 64 4.36 -4.56 3.91
C LEU A 64 4.59 -5.95 3.24
N GLN A 65 4.90 -5.96 1.94
CA GLN A 65 5.22 -7.23 1.25
C GLN A 65 6.42 -7.89 1.90
N THR A 66 7.38 -7.12 2.34
CA THR A 66 8.57 -7.65 3.00
C THR A 66 8.16 -8.30 4.31
N ARG A 67 7.28 -7.64 5.06
CA ARG A 67 6.80 -8.18 6.33
C ARG A 67 6.07 -9.52 6.08
N ILE A 68 5.21 -9.56 5.06
CA ILE A 68 4.57 -10.79 4.67
C ILE A 68 5.60 -11.92 4.38
N ASN A 69 6.53 -11.64 3.48
CA ASN A 69 7.52 -12.66 3.11
C ASN A 69 8.32 -13.14 4.33
N LEU A 70 8.70 -12.23 5.23
CA LEU A 70 9.38 -12.57 6.47
C LEU A 70 8.58 -13.47 7.37
N SER A 71 7.31 -13.13 7.57
CA SER A 71 6.50 -13.91 8.48
C SER A 71 6.26 -15.27 7.89
N ARG A 72 5.99 -15.35 6.64
CA ARG A 72 5.79 -16.65 5.94
C ARG A 72 7.02 -17.53 5.97
N SER A 73 8.19 -16.91 5.88
CA SER A 73 9.48 -17.62 6.16
C SER A 73 9.61 -18.08 7.56
N ALA A 74 9.42 -17.19 8.52
CA ALA A 74 9.62 -17.48 9.94
C ALA A 74 8.72 -18.62 10.39
N VAL A 75 7.45 -18.63 9.99
CA VAL A 75 6.54 -19.68 10.46
C VAL A 75 6.99 -21.02 9.98
N ARG A 76 7.54 -21.07 8.75
CA ARG A 76 8.05 -22.32 8.16
C ARG A 76 9.36 -22.73 8.85
N MET A 77 10.07 -21.81 9.44
CA MET A 77 11.27 -22.21 10.23
C MET A 77 10.87 -22.87 11.54
N MET A 78 9.64 -22.68 12.00
CA MET A 78 9.11 -23.30 13.24
C MET A 78 8.61 -24.68 12.97
N MET A 79 8.41 -25.06 11.72
CA MET A 79 7.85 -26.35 11.33
C MET A 79 8.90 -27.45 11.51
N ASP A 80 8.42 -28.67 11.57
CA ASP A 80 9.29 -29.83 11.44
C ASP A 80 9.82 -29.93 10.06
N SER A 81 11.08 -30.35 9.91
CA SER A 81 11.67 -30.65 8.59
C SER A 81 10.87 -31.50 7.68
N SER A 82 10.13 -32.45 8.26
CA SER A 82 9.36 -33.39 7.45
C SER A 82 8.11 -32.78 6.83
N ASN A 83 7.72 -31.57 7.26
CA ASN A 83 6.57 -30.92 6.66
C ASN A 83 7.05 -30.29 5.39
N GLN A 84 6.42 -30.65 4.29
CA GLN A 84 6.76 -30.25 2.97
C GLN A 84 6.56 -28.72 2.84
N GLN A 85 5.74 -28.16 3.70
CA GLN A 85 5.47 -26.71 3.63
C GLN A 85 6.70 -25.90 4.14
N SER A 86 7.63 -26.56 4.83
CA SER A 86 8.78 -25.90 5.39
C SER A 86 9.80 -25.61 4.29
N ASN A 87 9.74 -26.30 3.13
CA ASN A 87 10.81 -26.28 2.14
C ASN A 87 10.92 -24.88 1.52
N ALA A 88 9.87 -24.07 1.62
CA ALA A 88 9.92 -22.75 0.97
C ALA A 88 10.56 -21.70 1.84
N LYS A 89 10.93 -21.99 3.08
CA LYS A 89 11.41 -20.98 4.02
C LYS A 89 12.55 -20.13 3.45
N VAL A 90 13.51 -20.72 2.70
CA VAL A 90 14.57 -19.95 2.16
C VAL A 90 14.10 -19.09 1.01
N GLU A 91 13.34 -19.63 0.10
CA GLU A 91 12.82 -18.90 -1.09
C GLU A 91 12.05 -17.64 -0.57
N LEU A 92 11.28 -17.84 0.47
CA LEU A 92 10.49 -16.70 1.03
C LEU A 92 11.36 -15.65 1.60
N LEU A 93 12.43 -16.02 2.33
CA LEU A 93 13.36 -15.04 2.87
C LEU A 93 14.10 -14.32 1.71
N ASP A 94 14.47 -15.04 0.64
CA ASP A 94 14.99 -14.38 -0.54
C ASP A 94 14.01 -13.36 -1.14
N SER A 95 12.75 -13.75 -1.19
CA SER A 95 11.73 -12.83 -1.66
C SER A 95 11.62 -11.64 -0.74
N ALA A 96 11.79 -11.71 0.59
CA ALA A 96 11.80 -10.58 1.45
C ALA A 96 12.95 -9.64 1.05
N ARG A 97 14.12 -10.28 0.75
CA ARG A 97 15.25 -9.44 0.41
C ARG A 97 14.93 -8.68 -0.89
N LYS A 98 14.27 -9.27 -1.85
CA LYS A 98 13.92 -8.64 -3.09
C LYS A 98 12.95 -7.48 -2.86
N THR A 99 11.94 -7.76 -2.08
CA THR A 99 10.96 -6.67 -1.91
C THR A 99 11.49 -5.55 -1.06
N LEU A 100 12.36 -5.77 -0.08
CA LEU A 100 12.93 -4.72 0.71
C LEU A 100 13.87 -3.81 -0.16
N ALA A 101 14.58 -4.47 -1.09
CA ALA A 101 15.46 -3.72 -2.03
C ALA A 101 14.63 -2.83 -2.91
N GLN A 102 13.51 -3.36 -3.39
CA GLN A 102 12.59 -2.57 -4.19
C GLN A 102 12.01 -1.39 -3.39
N ALA A 103 11.66 -1.63 -2.12
CA ALA A 103 11.15 -0.56 -1.25
C ALA A 103 12.20 0.55 -1.17
N ALA A 104 13.46 0.13 -0.97
CA ALA A 104 14.51 1.13 -0.83
C ALA A 104 14.74 1.88 -2.10
N THR A 105 14.53 1.29 -3.26
CA THR A 105 14.66 1.94 -4.55
C THR A 105 13.61 3.05 -4.70
N HIS A 106 12.35 2.68 -4.38
CA HIS A 106 11.33 3.69 -4.39
C HIS A 106 11.55 4.84 -3.43
N TYR A 107 12.01 4.53 -2.21
CA TYR A 107 12.26 5.49 -1.22
C TYR A 107 13.42 6.49 -1.71
N LYS A 108 14.43 5.92 -2.37
CA LYS A 108 15.44 6.83 -2.95
C LYS A 108 14.88 7.74 -4.01
N LYS A 109 13.99 7.21 -4.87
CA LYS A 109 13.29 8.02 -5.80
C LYS A 109 12.51 9.15 -5.14
N PHE A 110 11.72 8.84 -4.06
CA PHE A 110 11.10 9.83 -3.29
C PHE A 110 11.98 10.94 -2.78
N LYS A 111 13.11 10.54 -2.21
CA LYS A 111 14.12 11.47 -1.70
C LYS A 111 14.77 12.26 -2.81
N SER A 112 14.82 11.79 -4.01
CA SER A 112 15.46 12.48 -5.14
C SER A 112 14.65 13.70 -5.60
N MET A 113 13.36 13.77 -5.28
CA MET A 113 12.45 14.78 -5.65
C MET A 113 12.45 15.82 -4.55
N ALA A 114 12.79 17.03 -4.87
CA ALA A 114 12.88 18.11 -3.91
C ALA A 114 11.53 18.40 -3.31
N PRO A 115 11.46 18.51 -1.95
CA PRO A 115 10.24 18.86 -1.39
C PRO A 115 9.82 20.25 -1.54
N LEU A 116 8.54 20.54 -1.52
CA LEU A 116 8.04 21.87 -1.32
C LEU A 116 8.21 22.26 0.20
N PRO A 117 8.35 23.60 0.45
CA PRO A 117 8.62 23.89 1.86
C PRO A 117 7.57 23.44 2.85
N GLU A 118 6.30 23.46 2.45
CA GLU A 118 5.19 23.00 3.32
C GLU A 118 5.21 21.49 3.57
N MET A 119 6.00 20.77 2.78
CA MET A 119 6.14 19.37 3.03
C MET A 119 7.37 18.85 3.71
N VAL A 120 8.32 19.79 4.00
CA VAL A 120 9.54 19.38 4.65
C VAL A 120 9.37 18.71 5.99
N ALA A 121 8.52 19.29 6.85
CA ALA A 121 8.35 18.70 8.17
C ALA A 121 7.82 17.27 8.17
N THR A 122 6.77 17.09 7.36
CA THR A 122 6.14 15.71 7.27
C THR A 122 7.06 14.79 6.56
N SER A 123 7.85 15.26 5.61
CA SER A 123 8.85 14.41 4.97
C SER A 123 9.95 13.90 5.91
N ARG A 124 10.38 14.84 6.85
CA ARG A 124 11.32 14.41 7.84
C ARG A 124 10.73 13.38 8.79
N ASN A 125 9.45 13.51 9.10
CA ASN A 125 8.74 12.56 9.97
C ASN A 125 8.69 11.21 9.32
N ILE A 126 8.34 11.19 8.02
CA ILE A 126 8.45 9.93 7.23
C ILE A 126 9.79 9.32 7.26
N ASP A 127 10.84 10.13 7.08
CA ASP A 127 12.17 9.64 7.09
C ASP A 127 12.52 8.93 8.40
N GLU A 128 12.12 9.51 9.52
CA GLU A 128 12.40 8.95 10.85
C GLU A 128 11.77 7.56 10.96
N LYS A 129 10.47 7.54 10.66
CA LYS A 129 9.76 6.26 10.77
C LYS A 129 10.20 5.21 9.75
N TYR A 130 10.51 5.62 8.53
CA TYR A 130 11.00 4.76 7.47
C TYR A 130 12.31 4.13 7.91
N LYS A 131 13.25 4.96 8.38
CA LYS A 131 14.56 4.36 8.76
C LYS A 131 14.37 3.31 9.90
N ASN A 132 13.58 3.61 10.89
CA ASN A 132 13.26 2.68 11.98
C ASN A 132 12.70 1.36 11.51
N TYR A 133 11.68 1.47 10.63
CA TYR A 133 11.09 0.22 10.13
C TYR A 133 11.95 -0.50 9.17
N TYR A 134 12.64 0.17 8.25
CA TYR A 134 13.57 -0.39 7.33
C TYR A 134 14.62 -1.15 8.09
N THR A 135 15.20 -0.47 9.06
CA THR A 135 16.29 -1.17 9.84
C THR A 135 15.76 -2.40 10.51
N ALA A 136 14.56 -2.29 11.09
CA ALA A 136 13.93 -3.46 11.73
C ALA A 136 13.81 -4.64 10.77
N LEU A 137 13.31 -4.39 9.55
CA LEU A 137 13.13 -5.43 8.55
C LEU A 137 14.51 -6.05 8.17
N THR A 138 15.53 -5.21 7.99
CA THR A 138 16.87 -5.73 7.67
C THR A 138 17.41 -6.66 8.79
N GLU A 139 17.09 -6.33 10.00
CA GLU A 139 17.53 -7.17 11.17
C GLU A 139 16.77 -8.45 11.19
N LEU A 140 15.45 -8.39 10.95
CA LEU A 140 14.75 -9.65 10.79
C LEU A 140 15.32 -10.56 9.69
N ILE A 141 15.73 -10.04 8.54
CA ILE A 141 16.28 -10.82 7.45
C ILE A 141 17.56 -11.48 7.99
N ASP A 142 18.31 -10.72 8.72
CA ASP A 142 19.59 -11.23 9.26
C ASP A 142 19.36 -12.34 10.25
N TYR A 143 18.38 -12.22 11.13
CA TYR A 143 18.03 -13.31 12.07
C TYR A 143 17.56 -14.54 11.31
N LEU A 144 16.67 -14.42 10.33
CA LEU A 144 16.15 -15.57 9.71
C LEU A 144 17.19 -16.27 8.86
N ASP A 145 18.14 -15.50 8.34
CA ASP A 145 19.20 -16.07 7.53
C ASP A 145 19.82 -17.34 8.17
N TYR A 146 19.97 -17.36 9.48
CA TYR A 146 20.38 -18.65 10.17
C TYR A 146 19.36 -19.26 11.05
N GLY A 147 18.08 -19.00 10.80
CA GLY A 147 17.02 -19.62 11.58
C GLY A 147 16.84 -19.17 13.00
N ASN A 148 17.27 -17.96 13.32
CA ASN A 148 17.10 -17.43 14.65
C ASN A 148 15.72 -16.84 14.89
N THR A 149 14.75 -17.74 14.99
CA THR A 149 13.36 -17.34 15.25
C THR A 149 13.18 -16.66 16.57
N GLY A 150 13.89 -17.05 17.65
CA GLY A 150 13.81 -16.26 18.85
C GLY A 150 14.13 -14.75 18.77
N ALA A 151 15.20 -14.36 18.06
CA ALA A 151 15.57 -12.99 17.95
C ALA A 151 14.42 -12.29 17.10
N TYR A 152 13.97 -13.04 16.14
CA TYR A 152 12.88 -12.51 15.21
C TYR A 152 11.63 -12.16 16.05
N PHE A 153 11.21 -13.09 16.90
CA PHE A 153 10.05 -12.85 17.74
C PHE A 153 10.22 -11.75 18.74
N ALA A 154 11.43 -11.62 19.30
CA ALA A 154 11.60 -10.65 20.32
C ALA A 154 11.54 -9.21 19.80
N GLN A 155 11.79 -8.98 18.49
CA GLN A 155 11.78 -7.64 17.94
C GLN A 155 10.37 -7.08 18.02
N PRO A 156 10.19 -5.83 18.48
CA PRO A 156 8.88 -5.24 18.58
C PRO A 156 8.47 -4.60 17.20
N THR A 157 8.43 -5.48 16.23
CA THR A 157 8.22 -5.07 14.84
C THR A 157 6.91 -4.32 14.63
N GLN A 158 5.81 -4.83 15.17
CA GLN A 158 4.53 -4.24 14.94
C GLN A 158 4.44 -2.79 15.26
N GLY A 159 5.04 -2.33 16.36
CA GLY A 159 4.97 -0.95 16.71
C GLY A 159 5.68 -0.06 15.68
N MET A 160 6.79 -0.55 15.07
CA MET A 160 7.58 0.20 14.10
C MET A 160 6.71 0.26 12.80
N GLN A 161 6.08 -0.90 12.49
CA GLN A 161 5.20 -0.83 11.29
C GLN A 161 4.10 0.18 11.50
N ASN A 162 3.40 0.10 12.64
CA ASN A 162 2.30 0.95 12.92
C ASN A 162 2.72 2.42 12.84
N ALA A 163 3.91 2.70 13.40
CA ALA A 163 4.34 4.09 13.34
C ALA A 163 4.57 4.61 11.92
N MET A 164 5.16 3.74 11.12
CA MET A 164 5.32 4.11 9.70
C MET A 164 3.97 4.32 9.07
N GLY A 165 3.00 3.43 9.30
CA GLY A 165 1.70 3.62 8.69
C GLY A 165 1.03 4.90 9.05
N GLU A 166 1.19 5.31 10.33
CA GLU A 166 0.61 6.57 10.79
C GLU A 166 1.32 7.79 10.13
N ALA A 167 2.63 7.70 10.03
CA ALA A 167 3.44 8.77 9.35
C ALA A 167 3.00 8.86 7.88
N PHE A 168 2.79 7.71 7.26
CA PHE A 168 2.32 7.69 5.86
C PHE A 168 1.01 8.37 5.71
N ALA A 169 0.05 8.03 6.62
CA ALA A 169 -1.23 8.69 6.60
C ALA A 169 -1.18 10.20 6.72
N GLN A 170 -0.31 10.63 7.64
CA GLN A 170 -0.15 12.02 7.83
C GLN A 170 0.48 12.74 6.62
N TYR A 171 1.44 12.08 6.03
CA TYR A 171 2.04 12.66 4.86
C TYR A 171 1.01 12.77 3.73
N ALA A 172 0.22 11.72 3.55
CA ALA A 172 -0.76 11.77 2.50
C ALA A 172 -1.81 12.87 2.67
N LEU A 173 -2.24 13.08 3.92
CA LEU A 173 -3.21 14.15 4.22
C LEU A 173 -2.60 15.50 3.85
N SER A 174 -1.34 15.71 4.30
CA SER A 174 -0.68 16.96 4.03
C SER A 174 -0.49 17.25 2.52
N SER A 175 -0.08 16.19 1.83
CA SER A 175 0.13 16.24 0.38
C SER A 175 -1.11 16.65 -0.37
N GLU A 176 -2.23 15.98 -0.05
CA GLU A 176 -3.49 16.25 -0.75
C GLU A 176 -3.98 17.64 -0.47
N LYS A 177 -3.87 18.10 0.79
CA LYS A 177 -4.26 19.46 1.12
C LYS A 177 -3.44 20.52 0.36
N LEU A 178 -2.13 20.28 0.30
CA LEU A 178 -1.26 21.16 -0.44
C LEU A 178 -1.57 21.19 -1.94
N TYR A 179 -1.74 20.01 -2.51
CA TYR A 179 -2.11 19.90 -3.89
C TYR A 179 -3.33 20.76 -4.23
N ARG A 180 -4.37 20.65 -3.41
CA ARG A 180 -5.59 21.44 -3.61
C ARG A 180 -5.29 22.95 -3.50
N ASP A 181 -4.43 23.30 -2.58
CA ASP A 181 -3.97 24.71 -2.45
C ASP A 181 -3.29 25.20 -3.69
N ILE A 182 -2.42 24.41 -4.33
CA ILE A 182 -1.71 24.81 -5.49
C ILE A 182 -2.65 25.01 -6.65
N VAL A 183 -3.52 24.04 -6.87
CA VAL A 183 -4.23 24.02 -8.12
C VAL A 183 -5.27 25.07 -8.07
N THR A 184 -5.76 25.47 -6.88
CA THR A 184 -6.80 26.50 -6.72
C THR A 184 -6.21 27.89 -6.50
N ASP A 185 -4.96 27.96 -6.00
CA ASP A 185 -4.27 29.25 -5.85
C ASP A 185 -4.12 29.85 -7.20
N ASN A 186 -3.36 29.17 -8.06
CA ASN A 186 -3.11 29.66 -9.39
C ASN A 186 -2.50 31.10 -9.40
N ALA A 187 -1.27 31.21 -8.89
CA ALA A 187 -0.28 32.17 -9.41
C ALA A 187 0.78 31.22 -10.00
N ASP A 188 2.04 31.63 -10.14
CA ASP A 188 3.00 30.69 -10.76
C ASP A 188 4.54 30.75 -10.48
N ASP A 189 5.09 30.56 -9.28
CA ASP A 189 4.54 30.84 -7.94
C ASP A 189 5.23 29.97 -6.88
N TYR A 190 5.02 28.66 -6.95
CA TYR A 190 5.51 27.77 -5.93
C TYR A 190 6.96 27.35 -6.24
N ARG A 191 7.83 27.38 -5.23
CA ARG A 191 9.25 27.14 -5.43
C ARG A 191 9.70 26.01 -4.51
N PHE A 192 10.55 25.08 -4.98
CA PHE A 192 10.99 23.97 -4.21
C PHE A 192 11.92 24.39 -3.10
N ALA A 193 11.90 23.64 -2.04
CA ALA A 193 12.80 23.97 -0.91
C ALA A 193 14.18 23.71 -1.40
N GLN A 194 15.11 24.48 -0.82
CA GLN A 194 16.51 24.12 -0.91
C GLN A 194 16.83 24.00 0.57
N SER B 35 -18.59 22.29 -22.85
CA SER B 35 -17.70 23.50 -22.90
C SER B 35 -17.81 24.34 -21.62
N LEU B 36 -19.06 24.68 -21.29
CA LEU B 36 -19.35 25.57 -20.15
C LEU B 36 -18.96 24.94 -18.78
N HIS B 37 -18.36 25.77 -17.93
CA HIS B 37 -17.82 25.35 -16.63
C HIS B 37 -16.72 24.28 -16.67
N HIS B 38 -15.89 24.31 -17.71
CA HIS B 38 -14.83 23.31 -17.91
C HIS B 38 -13.82 23.24 -16.72
N SER B 39 -13.47 24.39 -16.18
CA SER B 39 -12.46 24.44 -15.10
C SER B 39 -12.95 23.75 -13.85
N GLN B 40 -14.21 24.05 -13.54
CA GLN B 40 -14.84 23.50 -12.36
C GLN B 40 -15.04 22.02 -12.51
N LYS B 41 -15.44 21.57 -13.69
CA LYS B 41 -15.63 20.18 -13.94
C LYS B 41 -14.26 19.47 -13.86
N SER B 42 -13.21 20.05 -14.45
CA SER B 42 -11.86 19.48 -14.35
C SER B 42 -11.35 19.35 -12.90
N PHE B 43 -11.58 20.34 -12.00
CA PHE B 43 -11.16 20.24 -10.63
C PHE B 43 -11.95 19.09 -9.95
N VAL B 44 -13.29 19.02 -10.14
CA VAL B 44 -14.04 17.96 -9.49
C VAL B 44 -13.60 16.57 -9.96
N VAL B 45 -13.39 16.36 -11.28
CA VAL B 45 -13.05 15.08 -11.75
C VAL B 45 -11.63 14.71 -11.35
N SER B 46 -10.69 15.64 -11.47
CA SER B 46 -9.35 15.31 -10.97
C SER B 46 -9.34 14.99 -9.45
N ASN B 47 -10.09 15.71 -8.62
CA ASN B 47 -10.20 15.36 -7.22
C ASN B 47 -10.75 13.93 -7.08
N GLN B 48 -11.78 13.58 -7.88
CA GLN B 48 -12.36 12.22 -7.80
C GLN B 48 -11.34 11.16 -8.13
N LEU B 49 -10.57 11.37 -9.19
CA LEU B 49 -9.59 10.33 -9.60
C LEU B 49 -8.57 10.13 -8.53
N ARG B 50 -8.15 11.22 -7.87
CA ARG B 50 -7.18 11.06 -6.77
C ARG B 50 -7.81 10.32 -5.57
N GLU B 51 -9.05 10.66 -5.26
CA GLU B 51 -9.76 10.05 -4.14
C GLU B 51 -9.97 8.55 -4.40
N GLN B 52 -10.35 8.17 -5.66
CA GLN B 52 -10.50 6.82 -5.97
C GLN B 52 -9.17 6.04 -5.82
N GLN B 53 -8.09 6.64 -6.31
CA GLN B 53 -6.77 5.96 -6.13
C GLN B 53 -6.47 5.81 -4.63
N GLY B 54 -6.76 6.82 -3.85
CA GLY B 54 -6.47 6.74 -2.42
C GLY B 54 -7.22 5.66 -1.67
N GLU B 55 -8.47 5.47 -2.09
CA GLU B 55 -9.28 4.43 -1.50
C GLU B 55 -8.79 3.00 -1.92
N LEU B 56 -8.35 2.86 -3.17
CA LEU B 56 -7.74 1.60 -3.63
C LEU B 56 -6.41 1.38 -2.87
N THR B 57 -5.59 2.41 -2.65
CA THR B 57 -4.40 2.26 -1.90
C THR B 57 -4.71 1.74 -0.52
N SER B 58 -5.67 2.37 0.18
CA SER B 58 -6.03 1.94 1.51
C SER B 58 -6.52 0.48 1.57
N THR B 59 -7.32 0.12 0.55
CA THR B 59 -7.84 -1.23 0.48
C THR B 59 -6.68 -2.23 0.33
N TRP B 60 -5.74 -1.96 -0.59
CA TRP B 60 -4.58 -2.85 -0.77
C TRP B 60 -3.74 -2.96 0.47
N ASP B 61 -3.42 -1.80 1.10
CA ASP B 61 -2.62 -1.89 2.28
C ASP B 61 -3.27 -2.65 3.39
N LEU B 62 -4.58 -2.48 3.58
CA LEU B 62 -5.25 -3.23 4.64
C LEU B 62 -5.40 -4.72 4.39
N MET B 63 -5.51 -5.08 3.11
CA MET B 63 -5.50 -6.49 2.71
C MET B 63 -4.12 -7.09 2.99
N LEU B 64 -3.03 -6.37 2.67
CA LEU B 64 -1.71 -6.87 3.03
C LEU B 64 -1.54 -6.98 4.56
N GLN B 65 -2.07 -6.00 5.30
CA GLN B 65 -2.08 -6.04 6.76
C GLN B 65 -2.85 -7.23 7.33
N THR B 66 -3.93 -7.60 6.66
CA THR B 66 -4.72 -8.77 7.02
C THR B 66 -3.83 -10.00 6.88
N ARG B 67 -3.16 -10.12 5.73
CA ARG B 67 -2.26 -11.23 5.47
C ARG B 67 -1.18 -11.32 6.50
N ILE B 68 -0.60 -10.21 6.89
CA ILE B 68 0.39 -10.12 7.96
C ILE B 68 -0.18 -10.60 9.28
N ASN B 69 -1.36 -10.09 9.62
CA ASN B 69 -1.94 -10.47 10.94
C ASN B 69 -2.28 -11.94 10.98
N LEU B 70 -2.74 -12.54 9.87
CA LEU B 70 -2.97 -13.94 9.80
C LEU B 70 -1.66 -14.70 10.05
N SER B 71 -0.59 -14.29 9.41
CA SER B 71 0.68 -15.01 9.57
C SER B 71 1.18 -14.84 11.02
N ARG B 72 1.00 -13.70 11.63
CA ARG B 72 1.39 -13.52 13.01
C ARG B 72 0.57 -14.48 13.87
N SER B 73 -0.71 -14.64 13.56
CA SER B 73 -1.55 -15.57 14.36
C SER B 73 -1.03 -16.96 14.16
N ALA B 74 -0.71 -17.37 12.96
CA ALA B 74 -0.18 -18.69 12.66
C ALA B 74 1.09 -18.91 13.42
N VAL B 75 1.98 -17.91 13.52
CA VAL B 75 3.27 -18.03 14.31
C VAL B 75 2.90 -18.36 15.73
N ARG B 76 1.92 -17.68 16.30
CA ARG B 76 1.56 -18.02 17.72
C ARG B 76 1.07 -19.43 17.87
N MET B 77 0.26 -19.90 16.91
CA MET B 77 -0.26 -21.26 16.92
C MET B 77 0.89 -22.30 16.80
N MET B 78 2.01 -21.94 16.19
CA MET B 78 3.12 -22.88 15.97
C MET B 78 4.06 -22.87 17.17
N MET B 79 3.93 -21.89 18.05
CA MET B 79 4.80 -21.79 19.25
C MET B 79 4.29 -22.79 20.33
N ASP B 80 5.16 -23.17 21.24
CA ASP B 80 4.75 -23.95 22.44
C ASP B 80 4.14 -22.96 23.45
N SER B 81 3.26 -23.45 24.34
CA SER B 81 2.60 -22.62 25.38
C SER B 81 3.50 -21.75 26.27
N SER B 82 4.70 -22.25 26.56
CA SER B 82 5.67 -21.61 27.46
C SER B 82 6.13 -20.23 26.96
N ASN B 83 6.13 -20.06 25.64
CA ASN B 83 6.41 -18.78 25.03
C ASN B 83 5.27 -17.79 25.34
N GLN B 84 5.61 -16.66 25.99
CA GLN B 84 4.64 -15.60 26.37
C GLN B 84 3.77 -15.13 25.22
N GLN B 85 4.34 -15.13 24.01
CA GLN B 85 3.62 -14.65 22.83
C GLN B 85 2.55 -15.59 22.25
N SER B 86 2.53 -16.87 22.67
CA SER B 86 1.61 -17.91 22.12
C SER B 86 0.11 -17.70 22.45
N ASN B 87 -0.15 -17.00 23.54
CA ASN B 87 -1.51 -16.74 24.01
C ASN B 87 -2.28 -15.69 23.15
N ALA B 88 -1.53 -15.00 22.29
CA ALA B 88 -2.11 -13.93 21.55
C ALA B 88 -2.80 -14.44 20.24
N LYS B 89 -3.04 -15.73 20.07
CA LYS B 89 -3.48 -16.22 18.74
C LYS B 89 -4.83 -15.66 18.37
N VAL B 90 -5.74 -15.63 19.31
CA VAL B 90 -7.06 -15.14 19.10
C VAL B 90 -7.05 -13.62 18.89
N GLU B 91 -6.26 -12.89 19.67
CA GLU B 91 -6.21 -11.40 19.53
C GLU B 91 -5.71 -11.10 18.13
N LEU B 92 -4.73 -11.85 17.67
CA LEU B 92 -4.12 -11.62 16.36
C LEU B 92 -5.07 -11.98 15.26
N LEU B 93 -5.78 -13.11 15.38
CA LEU B 93 -6.79 -13.40 14.36
C LEU B 93 -7.89 -12.33 14.36
N ASP B 94 -8.32 -11.83 15.53
CA ASP B 94 -9.33 -10.74 15.58
C ASP B 94 -8.79 -9.48 14.87
N SER B 95 -7.49 -9.22 15.04
CA SER B 95 -6.86 -8.08 14.36
C SER B 95 -6.88 -8.29 12.82
N ALA B 96 -6.76 -9.50 12.32
CA ALA B 96 -6.92 -9.73 10.92
C ALA B 96 -8.34 -9.52 10.44
N ARG B 97 -9.36 -9.98 11.25
CA ARG B 97 -10.70 -9.68 10.89
C ARG B 97 -10.95 -8.16 10.85
N LYS B 98 -10.33 -7.41 11.75
CA LYS B 98 -10.55 -5.97 11.82
C LYS B 98 -9.95 -5.30 10.57
N THR B 99 -8.71 -5.62 10.22
CA THR B 99 -8.14 -5.01 8.99
C THR B 99 -8.90 -5.40 7.77
N LEU B 100 -9.42 -6.62 7.70
CA LEU B 100 -10.13 -7.06 6.50
C LEU B 100 -11.46 -6.24 6.37
N ALA B 101 -12.15 -6.06 7.48
CA ALA B 101 -13.35 -5.21 7.44
C ALA B 101 -13.06 -3.79 7.10
N GLN B 102 -11.93 -3.25 7.58
CA GLN B 102 -11.51 -1.95 7.19
C GLN B 102 -11.21 -1.87 5.68
N ALA B 103 -10.54 -2.90 5.17
CA ALA B 103 -10.34 -3.00 3.72
C ALA B 103 -11.62 -2.93 2.94
N ALA B 104 -12.59 -3.70 3.38
CA ALA B 104 -13.87 -3.73 2.68
C ALA B 104 -14.61 -2.40 2.77
N THR B 105 -14.42 -1.63 3.86
CA THR B 105 -15.00 -0.33 3.99
C THR B 105 -14.40 0.65 2.97
N HIS B 106 -13.07 0.67 2.83
CA HIS B 106 -12.43 1.47 1.85
C HIS B 106 -12.84 1.07 0.42
N TYR B 107 -12.96 -0.24 0.17
CA TYR B 107 -13.40 -0.71 -1.12
C TYR B 107 -14.83 -0.18 -1.46
N LYS B 108 -15.69 -0.20 -0.41
CA LYS B 108 -17.02 0.40 -0.58
C LYS B 108 -16.96 1.87 -0.91
N LYS B 109 -16.06 2.60 -0.26
CA LYS B 109 -15.87 3.97 -0.58
C LYS B 109 -15.41 4.20 -2.01
N PHE B 110 -14.46 3.33 -2.49
CA PHE B 110 -14.08 3.37 -3.88
C PHE B 110 -15.28 3.16 -4.82
N LYS B 111 -16.10 2.21 -4.49
CA LYS B 111 -17.28 1.90 -5.31
C LYS B 111 -18.29 3.06 -5.26
N SER B 112 -18.28 3.86 -4.21
CA SER B 112 -19.26 4.94 -4.09
C SER B 112 -18.98 6.07 -5.05
N MET B 113 -17.76 6.16 -5.67
CA MET B 113 -17.37 7.21 -6.62
C MET B 113 -17.57 6.57 -7.99
N ALA B 114 -18.48 7.09 -8.75
CA ALA B 114 -18.77 6.57 -10.11
C ALA B 114 -17.51 6.58 -11.00
N PRO B 115 -17.26 5.43 -11.64
CA PRO B 115 -16.11 5.53 -12.59
C PRO B 115 -16.32 6.48 -13.71
N LEU B 116 -15.24 7.06 -14.15
CA LEU B 116 -15.18 7.83 -15.41
C LEU B 116 -15.24 6.81 -16.55
N PRO B 117 -15.80 7.28 -17.70
CA PRO B 117 -16.08 6.25 -18.76
C PRO B 117 -14.91 5.34 -19.15
N GLU B 118 -13.72 5.90 -19.30
CA GLU B 118 -12.54 5.09 -19.72
C GLU B 118 -11.99 4.25 -18.59
N MET B 119 -12.54 4.50 -17.36
CA MET B 119 -12.16 3.72 -16.20
C MET B 119 -13.02 2.58 -15.86
N VAL B 120 -14.13 2.31 -16.61
CA VAL B 120 -15.05 1.28 -16.25
C VAL B 120 -14.46 -0.06 -16.31
N ALA B 121 -13.78 -0.39 -17.40
CA ALA B 121 -13.27 -1.76 -17.49
C ALA B 121 -12.19 -2.13 -16.43
N THR B 122 -11.32 -1.20 -16.18
CA THR B 122 -10.29 -1.45 -15.19
C THR B 122 -10.93 -1.47 -13.80
N SER B 123 -11.97 -0.68 -13.61
CA SER B 123 -12.73 -0.85 -12.34
C SER B 123 -13.35 -2.18 -12.08
N ARG B 124 -13.98 -2.73 -13.16
CA ARG B 124 -14.56 -4.02 -13.08
C ARG B 124 -13.52 -5.16 -12.90
N ASN B 125 -12.34 -4.98 -13.48
CA ASN B 125 -11.20 -5.90 -13.29
C ASN B 125 -10.77 -5.85 -11.82
N ILE B 126 -10.65 -4.63 -11.28
CA ILE B 126 -10.39 -4.59 -9.82
C ILE B 126 -11.47 -5.32 -9.06
N ASP B 127 -12.74 -5.11 -9.37
CA ASP B 127 -13.77 -5.78 -8.66
C ASP B 127 -13.63 -7.29 -8.61
N GLU B 128 -13.31 -7.88 -9.78
CA GLU B 128 -13.18 -9.34 -9.91
C GLU B 128 -12.01 -9.80 -9.02
N LYS B 129 -10.88 -9.16 -9.18
CA LYS B 129 -9.64 -9.60 -8.46
C LYS B 129 -9.70 -9.33 -6.99
N TYR B 130 -10.37 -8.21 -6.66
CA TYR B 130 -10.62 -7.88 -5.21
C TYR B 130 -11.48 -8.96 -4.59
N LYS B 131 -12.62 -9.33 -5.23
CA LYS B 131 -13.51 -10.27 -4.63
C LYS B 131 -12.77 -11.61 -4.42
N ASN B 132 -11.96 -12.02 -5.39
CA ASN B 132 -11.17 -13.28 -5.28
C ASN B 132 -10.24 -13.25 -4.07
N TYR B 133 -9.50 -12.16 -3.93
CA TYR B 133 -8.50 -12.06 -2.86
C TYR B 133 -9.20 -11.88 -1.48
N TYR B 134 -10.27 -11.11 -1.43
CA TYR B 134 -11.07 -10.95 -0.25
C TYR B 134 -11.58 -12.33 0.23
N THR B 135 -12.12 -13.09 -0.72
CA THR B 135 -12.58 -14.42 -0.36
C THR B 135 -11.46 -15.29 0.10
N ALA B 136 -10.31 -15.23 -0.52
CA ALA B 136 -9.17 -15.99 -0.06
C ALA B 136 -8.82 -15.67 1.37
N LEU B 137 -8.77 -14.37 1.69
CA LEU B 137 -8.43 -13.98 3.02
C LEU B 137 -9.46 -14.43 4.06
N THR B 138 -10.73 -14.32 3.70
CA THR B 138 -11.79 -14.85 4.60
C THR B 138 -11.64 -16.36 4.83
N GLU B 139 -11.23 -17.05 3.85
CA GLU B 139 -10.95 -18.48 3.96
C GLU B 139 -9.82 -18.76 4.85
N LEU B 140 -8.74 -17.95 4.75
CA LEU B 140 -7.63 -18.13 5.65
C LEU B 140 -7.99 -17.89 7.11
N ILE B 141 -8.77 -16.83 7.39
CA ILE B 141 -9.27 -16.59 8.73
C ILE B 141 -10.03 -17.86 9.25
N ASP B 142 -10.90 -18.38 8.42
CA ASP B 142 -11.68 -19.59 8.81
C ASP B 142 -10.80 -20.75 9.08
N TYR B 143 -9.79 -20.98 8.27
CA TYR B 143 -8.87 -22.11 8.44
C TYR B 143 -8.18 -21.96 9.78
N LEU B 144 -7.61 -20.76 10.14
CA LEU B 144 -6.95 -20.62 11.40
C LEU B 144 -7.90 -20.72 12.58
N ASP B 145 -9.09 -20.19 12.40
CA ASP B 145 -10.13 -20.19 13.47
C ASP B 145 -10.44 -21.67 13.86
N TYR B 146 -10.35 -22.57 12.90
CA TYR B 146 -10.65 -24.02 13.14
C TYR B 146 -9.45 -24.88 13.30
N GLY B 147 -8.26 -24.28 13.41
CA GLY B 147 -6.98 -24.98 13.62
C GLY B 147 -6.48 -25.72 12.42
N ASN B 148 -7.01 -25.39 11.25
CA ASN B 148 -6.60 -26.02 10.01
C ASN B 148 -5.38 -25.35 9.35
N THR B 149 -4.23 -25.52 9.99
CA THR B 149 -3.03 -24.86 9.56
C THR B 149 -2.59 -25.43 8.25
N GLY B 150 -2.79 -26.73 7.98
CA GLY B 150 -2.45 -27.24 6.65
C GLY B 150 -3.17 -26.55 5.49
N ALA B 151 -4.48 -26.35 5.57
CA ALA B 151 -5.24 -25.70 4.52
C ALA B 151 -4.75 -24.22 4.35
N TYR B 152 -4.47 -23.66 5.49
CA TYR B 152 -3.94 -22.25 5.56
C TYR B 152 -2.67 -22.14 4.76
N PHE B 153 -1.67 -23.01 5.05
CA PHE B 153 -0.40 -22.96 4.26
C PHE B 153 -0.51 -23.41 2.84
N ALA B 154 -1.49 -24.25 2.50
CA ALA B 154 -1.64 -24.75 1.15
C ALA B 154 -2.31 -23.81 0.19
N GLN B 155 -3.04 -22.82 0.72
CA GLN B 155 -3.77 -21.97 -0.17
C GLN B 155 -2.79 -21.17 -1.02
N PRO B 156 -3.03 -21.03 -2.33
CA PRO B 156 -2.17 -20.22 -3.22
C PRO B 156 -2.48 -18.72 -3.16
N THR B 157 -2.37 -18.23 -1.95
CA THR B 157 -2.75 -16.84 -1.62
C THR B 157 -1.98 -15.84 -2.46
N GLN B 158 -0.63 -16.06 -2.59
CA GLN B 158 0.21 -15.16 -3.35
C GLN B 158 -0.31 -14.91 -4.74
N GLY B 159 -0.76 -15.96 -5.43
CA GLY B 159 -1.30 -15.72 -6.76
C GLY B 159 -2.49 -14.80 -6.84
N MET B 160 -3.33 -14.95 -5.82
CA MET B 160 -4.55 -14.12 -5.73
C MET B 160 -4.15 -12.67 -5.42
N GLN B 161 -3.18 -12.48 -4.53
CA GLN B 161 -2.68 -11.14 -4.24
C GLN B 161 -2.08 -10.54 -5.48
N ASN B 162 -1.23 -11.33 -6.15
CA ASN B 162 -0.58 -10.79 -7.31
C ASN B 162 -1.57 -10.42 -8.41
N ALA B 163 -2.62 -11.20 -8.59
CA ALA B 163 -3.66 -10.85 -9.59
C ALA B 163 -4.33 -9.56 -9.23
N MET B 164 -4.61 -9.35 -7.92
CA MET B 164 -5.19 -8.05 -7.55
C MET B 164 -4.16 -6.95 -7.77
N GLY B 165 -2.89 -7.17 -7.42
CA GLY B 165 -1.89 -6.18 -7.67
C GLY B 165 -1.71 -5.71 -9.12
N GLU B 166 -1.79 -6.69 -9.98
CA GLU B 166 -1.79 -6.45 -11.45
C GLU B 166 -3.01 -5.66 -11.88
N ALA B 167 -4.19 -5.94 -11.35
CA ALA B 167 -5.37 -5.18 -11.66
C ALA B 167 -5.18 -3.72 -11.16
N PHE B 168 -4.60 -3.59 -9.96
CA PHE B 168 -4.38 -2.24 -9.43
C PHE B 168 -3.43 -1.48 -10.33
N ALA B 169 -2.36 -2.16 -10.83
CA ALA B 169 -1.42 -1.49 -11.74
C ALA B 169 -2.08 -1.07 -13.04
N GLN B 170 -2.93 -1.89 -13.60
CA GLN B 170 -3.65 -1.53 -14.85
C GLN B 170 -4.57 -0.29 -14.63
N TYR B 171 -5.22 -0.33 -13.45
CA TYR B 171 -6.13 0.78 -13.08
C TYR B 171 -5.29 2.04 -12.99
N ALA B 172 -4.15 1.95 -12.27
CA ALA B 172 -3.34 3.15 -12.08
C ALA B 172 -2.85 3.73 -13.39
N LEU B 173 -2.46 2.86 -14.36
CA LEU B 173 -2.07 3.34 -15.68
C LEU B 173 -3.20 4.10 -16.38
N SER B 174 -4.39 3.49 -16.39
CA SER B 174 -5.54 4.13 -17.02
C SER B 174 -5.88 5.44 -16.33
N SER B 175 -5.90 5.41 -14.97
CA SER B 175 -6.25 6.61 -14.25
C SER B 175 -5.27 7.76 -14.53
N GLU B 176 -3.95 7.45 -14.51
CA GLU B 176 -2.92 8.44 -14.81
C GLU B 176 -3.02 9.00 -16.22
N LYS B 177 -3.36 8.18 -17.23
CA LYS B 177 -3.57 8.74 -18.62
C LYS B 177 -4.69 9.74 -18.70
N LEU B 178 -5.81 9.42 -18.06
CA LEU B 178 -6.95 10.29 -18.00
C LEU B 178 -6.57 11.57 -17.21
N TYR B 179 -5.93 11.38 -16.06
CA TYR B 179 -5.62 12.50 -15.18
C TYR B 179 -4.72 13.51 -15.92
N ARG B 180 -3.68 13.01 -16.58
CA ARG B 180 -2.76 13.87 -17.35
C ARG B 180 -3.52 14.63 -18.42
N ASP B 181 -4.39 13.94 -19.14
CA ASP B 181 -5.21 14.67 -20.13
C ASP B 181 -6.15 15.70 -19.57
N ILE B 182 -6.73 15.48 -18.41
CA ILE B 182 -7.69 16.41 -17.81
C ILE B 182 -6.92 17.64 -17.33
N VAL B 183 -5.79 17.44 -16.69
CA VAL B 183 -5.17 18.57 -16.02
C VAL B 183 -4.32 19.34 -17.02
N THR B 184 -4.06 18.80 -18.21
CA THR B 184 -3.43 19.53 -19.32
C THR B 184 -4.40 19.96 -20.48
N ASP B 185 -5.72 19.91 -20.25
CA ASP B 185 -6.73 20.33 -21.24
C ASP B 185 -6.56 19.57 -22.55
N ASN B 186 -6.30 18.28 -22.44
CA ASN B 186 -6.24 17.37 -23.60
C ASN B 186 -7.26 16.23 -23.55
N ALA B 187 -8.39 16.50 -22.89
CA ALA B 187 -9.46 15.53 -22.82
C ALA B 187 -10.77 16.08 -23.41
N ASP B 188 -11.32 15.38 -24.42
CA ASP B 188 -12.64 15.77 -24.87
C ASP B 188 -13.70 15.61 -23.79
N ASP B 189 -14.83 16.32 -23.90
CA ASP B 189 -15.86 16.38 -22.88
C ASP B 189 -16.40 14.99 -22.53
N TYR B 190 -16.47 14.09 -23.54
CA TYR B 190 -17.10 12.77 -23.26
C TYR B 190 -16.36 12.01 -22.17
N ARG B 191 -15.07 12.32 -22.01
CA ARG B 191 -14.28 11.54 -21.10
C ARG B 191 -14.53 11.97 -19.68
N PHE B 192 -15.11 13.14 -19.45
CA PHE B 192 -15.33 13.58 -18.07
C PHE B 192 -16.67 13.32 -17.56
N ALA B 193 -17.36 12.35 -18.20
CA ALA B 193 -18.81 12.16 -18.26
C ALA B 193 -19.50 13.52 -18.31
N GLN B 194 -19.12 14.30 -19.33
CA GLN B 194 -19.74 15.59 -19.69
C GLN B 194 -20.62 15.35 -20.91
#